data_5HPB
#
_entry.id   5HPB
#
_cell.length_a   85.845
_cell.length_b   85.845
_cell.length_c   76.725
_cell.angle_alpha   90.00
_cell.angle_beta   90.00
_cell.angle_gamma   120.00
#
_symmetry.space_group_name_H-M   'H 3'
#
loop_
_entity.id
_entity.type
_entity.pdbx_description
1 polymer 'Dihydrofolate reductase'
2 non-polymer 'NADPH DIHYDRO-NICOTINAMIDE-ADENINE-DINUCLEOTIDE PHOSPHATE'
3 non-polymer 5-methyl-6-{[4-(trifluoromethyl)phenyl]sulfanyl}thieno[2,3-d]pyrimidine-2,4-diamine
4 non-polymer 'SULFATE ION'
5 water water
#
_entity_poly.entity_id   1
_entity_poly.type   'polypeptide(L)'
_entity_poly.pdbx_seq_one_letter_code
;VGSLNCIVAVSQNMGIGKNGDLPWPPLRNEFRYFQRMTTTSSVEGKQNLVIMGKKTWFSIPEKNRPLKGRINLVLSRELK
EPPQGAHFLSRSLDDALKLTEQPELANKVDMVWIVGGSSVYKEAMNHPGHLKLFVTRIMQDFESDTFFPEIDLEKYKLLP
EYPGVLSDVQEEKGIKYKFEVYEKND
;
_entity_poly.pdbx_strand_id   A
#
loop_
_chem_comp.id
_chem_comp.type
_chem_comp.name
_chem_comp.formula
63W non-polymer 5-methyl-6-{[4-(trifluoromethyl)phenyl]sulfanyl}thieno[2,3-d]pyrimidine-2,4-diamine 'C14 H11 F3 N4 S2'
NDP non-polymer 'NADPH DIHYDRO-NICOTINAMIDE-ADENINE-DINUCLEOTIDE PHOSPHATE' 'C21 H30 N7 O17 P3'
SO4 non-polymer 'SULFATE ION' 'O4 S -2'
#
# COMPACT_ATOMS: atom_id res chain seq x y z
N VAL A 1 2.83 8.34 -16.18
CA VAL A 1 2.73 7.74 -14.78
C VAL A 1 2.85 8.85 -13.74
N GLY A 2 1.90 8.92 -12.78
CA GLY A 2 1.88 9.96 -11.73
C GLY A 2 2.61 9.50 -10.46
N SER A 3 1.99 9.76 -9.30
CA SER A 3 2.60 9.54 -8.01
C SER A 3 3.05 8.14 -7.63
N LEU A 4 4.13 8.04 -6.84
CA LEU A 4 4.50 6.79 -6.16
C LEU A 4 4.08 6.92 -4.69
N ASN A 5 3.43 5.91 -4.15
CA ASN A 5 2.87 6.04 -2.77
C ASN A 5 2.96 4.67 -2.09
N CYS A 6 3.16 4.71 -0.77
CA CYS A 6 2.94 3.50 0.05
C CYS A 6 1.67 3.71 0.90
N ILE A 7 0.94 2.62 1.19
CA ILE A 7 -0.20 2.73 2.13
C ILE A 7 -0.15 1.53 2.98
N VAL A 8 -0.37 1.77 4.29
CA VAL A 8 -0.26 0.75 5.28
C VAL A 8 -1.21 1.11 6.39
N ALA A 9 -1.59 0.08 7.13
CA ALA A 9 -2.20 0.28 8.46
C ALA A 9 -1.31 -0.43 9.50
N VAL A 10 -0.95 0.28 10.58
CA VAL A 10 0.03 -0.25 11.47
C VAL A 10 -0.46 -0.06 12.89
N SER A 11 -0.17 -1.06 13.70
CA SER A 11 -0.44 -0.92 15.16
C SER A 11 0.69 -0.08 15.85
N GLN A 12 0.48 0.25 17.14
CA GLN A 12 1.44 1.03 17.87
C GLN A 12 2.80 0.36 17.97
N ASN A 13 2.86 -0.96 18.09
CA ASN A 13 4.18 -1.61 18.08
C ASN A 13 4.63 -1.87 16.64
N MET A 14 4.12 -1.11 15.66
CA MET A 14 4.59 -1.25 14.25
C MET A 14 4.17 -2.56 13.55
N GLY A 15 3.18 -3.23 14.10
CA GLY A 15 2.70 -4.47 13.52
C GLY A 15 1.76 -4.27 12.34
N ILE A 16 1.99 -5.00 11.25
CA ILE A 16 1.08 -4.97 10.09
C ILE A 16 0.43 -6.30 9.79
N GLY A 17 0.99 -7.38 10.25
CA GLY A 17 0.36 -8.68 10.01
C GLY A 17 0.63 -9.74 11.07
N LYS A 18 -0.15 -10.81 11.02
CA LYS A 18 0.02 -11.96 11.92
C LYS A 18 -0.64 -13.19 11.31
N ASN A 19 0.11 -14.28 11.21
CA ASN A 19 -0.36 -15.55 10.66
C ASN A 19 -1.09 -15.32 9.31
N GLY A 20 -0.63 -14.35 8.49
CA GLY A 20 -1.18 -14.19 7.14
C GLY A 20 -2.44 -13.35 7.10
N ASP A 21 -2.83 -12.76 8.25
CA ASP A 21 -3.94 -11.82 8.30
C ASP A 21 -3.48 -10.51 9.00
N LEU A 22 -4.43 -9.59 9.23
CA LEU A 22 -4.09 -8.33 9.90
C LEU A 22 -4.08 -8.73 11.40
N PRO A 23 -3.28 -8.03 12.22
CA PRO A 23 -3.24 -8.31 13.67
C PRO A 23 -4.55 -8.02 14.44
N TRP A 24 -5.43 -7.20 13.87
CA TRP A 24 -6.64 -6.68 14.56
C TRP A 24 -7.86 -7.22 13.85
N PRO A 25 -9.04 -7.25 14.51
CA PRO A 25 -10.28 -7.61 13.83
C PRO A 25 -10.62 -6.64 12.71
N PRO A 26 -11.37 -7.08 11.71
CA PRO A 26 -11.59 -6.24 10.53
C PRO A 26 -12.28 -4.91 10.89
N LEU A 27 -11.69 -3.78 10.44
CA LEU A 27 -12.23 -2.44 10.56
C LEU A 27 -12.75 -2.02 9.20
N ARG A 28 -14.08 -1.99 9.03
CA ARG A 28 -14.78 -1.92 7.75
C ARG A 28 -14.43 -0.61 7.04
N ASN A 29 -14.25 0.41 7.85
CA ASN A 29 -14.00 1.70 7.28
C ASN A 29 -12.55 1.94 6.94
N GLU A 30 -11.66 1.22 7.62
CA GLU A 30 -10.26 1.18 7.21
C GLU A 30 -10.11 0.49 5.86
N PHE A 31 -10.85 -0.63 5.66
CA PHE A 31 -10.86 -1.28 4.37
C PHE A 31 -11.41 -0.34 3.29
N ARG A 32 -12.50 0.35 3.58
CA ARG A 32 -13.11 1.35 2.68
C ARG A 32 -12.17 2.50 2.33
N TYR A 33 -11.39 2.95 3.33
CA TYR A 33 -10.36 3.98 3.06
C TYR A 33 -9.27 3.43 2.11
N PHE A 34 -8.72 2.25 2.44
CA PHE A 34 -7.79 1.61 1.57
C PHE A 34 -8.29 1.49 0.14
N GLN A 35 -9.58 1.08 -0.02
CA GLN A 35 -10.15 0.88 -1.32
C GLN A 35 -10.16 2.20 -2.07
N ARG A 36 -10.68 3.21 -1.41
CA ARG A 36 -10.94 4.53 -2.00
C ARG A 36 -9.64 5.15 -2.43
N MET A 37 -8.65 5.13 -1.54
CA MET A 37 -7.33 5.72 -1.86
C MET A 37 -6.57 5.06 -3.02
N THR A 38 -6.55 3.73 -3.03
CA THR A 38 -5.87 2.98 -4.07
C THR A 38 -6.55 3.04 -5.42
N THR A 39 -7.88 3.07 -5.39
CA THR A 39 -8.67 3.00 -6.62
C THR A 39 -8.72 4.35 -7.33
N THR A 40 -8.88 5.41 -6.56
CA THR A 40 -9.20 6.75 -7.10
C THR A 40 -8.03 7.36 -7.87
N SER A 41 -8.28 7.59 -9.16
CA SER A 41 -7.29 8.10 -10.08
C SER A 41 -7.71 9.45 -10.64
N SER A 42 -6.92 10.47 -10.35
CA SER A 42 -7.31 11.86 -10.65
C SER A 42 -6.96 12.31 -12.08
N VAL A 43 -6.86 11.36 -13.00
CA VAL A 43 -6.39 11.62 -14.38
C VAL A 43 -7.24 10.81 -15.34
N GLU A 44 -8.38 11.35 -15.76
CA GLU A 44 -9.45 10.52 -16.38
C GLU A 44 -8.93 9.68 -17.54
N GLY A 45 -9.38 8.41 -17.61
CA GLY A 45 -8.88 7.44 -18.60
C GLY A 45 -7.58 6.69 -18.25
N LYS A 46 -7.14 6.80 -17.00
CA LYS A 46 -6.02 5.97 -16.52
C LYS A 46 -6.46 5.17 -15.28
N GLN A 47 -5.69 4.16 -14.92
CA GLN A 47 -5.95 3.43 -13.69
C GLN A 47 -4.75 3.50 -12.74
N ASN A 48 -5.05 3.34 -11.46
CA ASN A 48 -3.96 3.11 -10.52
C ASN A 48 -3.41 1.69 -10.58
N LEU A 49 -2.11 1.54 -10.29
CA LEU A 49 -1.45 0.24 -10.19
C LEU A 49 -1.17 -0.06 -8.72
N VAL A 50 -1.46 -1.27 -8.26
CA VAL A 50 -1.08 -1.67 -6.87
C VAL A 50 0.02 -2.73 -6.97
N ILE A 51 1.10 -2.56 -6.23
CA ILE A 51 2.26 -3.44 -6.26
C ILE A 51 2.23 -4.10 -4.88
N MET A 52 2.27 -5.44 -4.85
CA MET A 52 2.32 -6.13 -3.57
C MET A 52 3.19 -7.35 -3.64
N GLY A 53 3.67 -7.77 -2.48
CA GLY A 53 4.36 -9.03 -2.36
C GLY A 53 3.40 -10.22 -2.44
N LYS A 54 3.97 -11.38 -2.62
CA LYS A 54 3.17 -12.63 -2.87
C LYS A 54 2.29 -12.99 -1.66
N LYS A 55 2.90 -12.94 -0.51
CA LYS A 55 2.14 -13.19 0.77
C LYS A 55 1.02 -12.21 0.95
N THR A 56 1.26 -10.90 0.68
CA THR A 56 0.13 -10.01 0.66
C THR A 56 -0.99 -10.36 -0.29
N TRP A 57 -0.66 -10.69 -1.54
CA TRP A 57 -1.66 -11.20 -2.42
C TRP A 57 -2.56 -12.33 -1.92
N PHE A 58 -1.93 -13.33 -1.34
CA PHE A 58 -2.69 -14.50 -0.89
C PHE A 58 -3.39 -14.20 0.42
N SER A 59 -2.99 -13.12 1.08
CA SER A 59 -3.63 -12.68 2.32
C SER A 59 -5.01 -12.04 2.06
N ILE A 60 -5.22 -11.59 0.84
CA ILE A 60 -6.51 -11.00 0.43
C ILE A 60 -7.47 -12.15 0.11
N PRO A 61 -8.71 -12.07 0.60
CA PRO A 61 -9.54 -13.23 0.29
C PRO A 61 -9.85 -13.35 -1.22
N GLU A 62 -9.88 -14.60 -1.72
CA GLU A 62 -9.95 -14.94 -3.16
C GLU A 62 -11.03 -14.17 -3.95
N LYS A 63 -12.21 -14.02 -3.36
CA LYS A 63 -13.28 -13.34 -4.03
C LYS A 63 -13.01 -11.83 -4.20
N ASN A 64 -12.05 -11.28 -3.44
CA ASN A 64 -11.67 -9.84 -3.56
C ASN A 64 -10.42 -9.65 -4.42
N ARG A 65 -9.98 -10.74 -5.08
CA ARG A 65 -8.80 -10.76 -5.92
C ARG A 65 -9.25 -10.87 -7.37
N PRO A 66 -8.67 -10.08 -8.25
CA PRO A 66 -7.69 -9.01 -8.01
C PRO A 66 -8.39 -7.82 -7.37
N LEU A 67 -7.64 -6.92 -6.70
CA LEU A 67 -8.32 -5.71 -6.19
C LEU A 67 -8.98 -4.93 -7.33
N LYS A 68 -10.28 -4.78 -7.26
CA LYS A 68 -11.02 -4.33 -8.47
C LYS A 68 -10.71 -2.86 -8.86
N GLY A 69 -10.59 -2.65 -10.16
CA GLY A 69 -10.49 -1.28 -10.67
C GLY A 69 -9.10 -0.73 -10.57
N ARG A 70 -8.17 -1.61 -10.21
CA ARG A 70 -6.76 -1.39 -10.10
C ARG A 70 -6.00 -2.45 -10.82
N ILE A 71 -4.92 -2.07 -11.44
CA ILE A 71 -4.01 -2.98 -12.06
C ILE A 71 -3.16 -3.65 -10.97
N ASN A 72 -3.26 -4.97 -10.88
CA ASN A 72 -2.63 -5.72 -9.80
C ASN A 72 -1.34 -6.37 -10.22
N LEU A 73 -0.26 -6.00 -9.56
CA LEU A 73 1.05 -6.48 -9.88
C LEU A 73 1.61 -7.13 -8.66
N VAL A 74 1.94 -8.39 -8.77
CA VAL A 74 2.54 -9.07 -7.65
C VAL A 74 4.04 -9.24 -7.86
N LEU A 75 4.81 -9.16 -6.77
CA LEU A 75 6.26 -9.34 -6.72
C LEU A 75 6.60 -10.71 -6.24
N SER A 76 7.30 -11.47 -7.07
CA SER A 76 7.80 -12.80 -6.74
C SER A 76 8.99 -13.25 -7.57
N ARG A 77 9.95 -13.89 -6.92
CA ARG A 77 11.06 -14.49 -7.69
C ARG A 77 10.85 -15.98 -8.00
N GLU A 78 9.97 -16.63 -7.23
CA GLU A 78 9.57 -18.03 -7.45
C GLU A 78 8.47 -18.27 -8.46
N LEU A 79 7.45 -17.41 -8.50
CA LEU A 79 6.35 -17.66 -9.41
C LEU A 79 6.84 -17.50 -10.88
N LYS A 80 6.30 -18.27 -11.80
CA LYS A 80 6.71 -18.05 -13.22
C LYS A 80 5.65 -17.30 -14.06
N GLU A 81 4.44 -17.16 -13.52
CA GLU A 81 3.44 -16.30 -14.12
C GLU A 81 2.61 -15.60 -13.02
N PRO A 82 1.80 -14.54 -13.37
CA PRO A 82 0.92 -13.93 -12.35
C PRO A 82 0.03 -15.00 -11.77
N PRO A 83 -0.15 -14.93 -10.45
CA PRO A 83 -1.15 -15.85 -9.84
C PRO A 83 -2.56 -15.70 -10.47
N GLN A 84 -3.35 -16.77 -10.48
CA GLN A 84 -4.75 -16.64 -10.85
C GLN A 84 -5.41 -15.37 -10.31
N GLY A 85 -5.88 -14.55 -11.24
CA GLY A 85 -6.41 -13.23 -10.96
C GLY A 85 -5.43 -12.04 -11.10
N ALA A 86 -4.13 -12.27 -10.97
CA ALA A 86 -3.17 -11.18 -10.96
C ALA A 86 -2.85 -10.77 -12.40
N HIS A 87 -2.48 -9.52 -12.56
CA HIS A 87 -2.18 -8.97 -13.91
C HIS A 87 -0.79 -9.03 -14.35
N PHE A 88 0.12 -8.76 -13.47
CA PHE A 88 1.46 -8.64 -13.85
C PHE A 88 2.23 -9.29 -12.77
N LEU A 89 3.41 -9.76 -13.13
CA LEU A 89 4.38 -10.29 -12.16
C LEU A 89 5.79 -9.68 -12.32
N SER A 90 6.45 -9.27 -11.25
CA SER A 90 7.80 -8.78 -11.36
C SER A 90 8.67 -9.42 -10.34
N ARG A 91 9.95 -9.39 -10.62
CA ARG A 91 10.94 -10.09 -9.87
C ARG A 91 11.65 -9.10 -8.98
N SER A 92 11.40 -7.82 -9.18
CA SER A 92 11.88 -6.80 -8.22
C SER A 92 11.05 -5.53 -8.25
N LEU A 93 11.26 -4.70 -7.23
CA LEU A 93 10.58 -3.43 -7.23
C LEU A 93 11.13 -2.62 -8.42
N ASP A 94 12.42 -2.67 -8.68
CA ASP A 94 12.95 -1.87 -9.79
C ASP A 94 12.22 -2.22 -11.07
N ASP A 95 12.10 -3.52 -11.33
CA ASP A 95 11.51 -4.02 -12.57
C ASP A 95 10.08 -3.63 -12.63
N ALA A 96 9.43 -3.65 -11.48
CA ALA A 96 8.04 -3.26 -11.45
C ALA A 96 7.90 -1.84 -11.88
N LEU A 97 8.75 -0.96 -11.35
CA LEU A 97 8.68 0.47 -11.70
C LEU A 97 9.18 0.66 -13.13
N LYS A 98 10.23 -0.07 -13.50
CA LYS A 98 10.74 -0.15 -14.87
C LYS A 98 9.64 -0.60 -15.82
N LEU A 99 8.82 -1.59 -15.40
CA LEU A 99 7.68 -2.09 -16.18
C LEU A 99 6.61 -1.02 -16.46
N THR A 100 6.54 -0.01 -15.60
CA THR A 100 5.55 1.07 -15.76
C THR A 100 5.91 2.09 -16.88
N GLU A 101 7.18 2.17 -17.25
CA GLU A 101 7.61 3.10 -18.30
C GLU A 101 7.66 2.41 -19.69
N GLN A 102 6.89 1.33 -19.86
CA GLN A 102 6.80 0.60 -21.13
C GLN A 102 5.57 1.05 -21.95
N PRO A 103 5.46 0.60 -23.24
CA PRO A 103 4.28 0.97 -24.07
C PRO A 103 2.94 0.51 -23.45
N GLU A 104 2.87 -0.79 -23.13
CA GLU A 104 1.71 -1.45 -22.50
C GLU A 104 1.08 -0.71 -21.30
N LEU A 105 1.91 -0.03 -20.50
CA LEU A 105 1.47 0.59 -19.24
C LEU A 105 1.64 2.11 -19.14
N ALA A 106 2.81 2.61 -19.56
CA ALA A 106 3.15 4.06 -19.45
C ALA A 106 1.99 5.07 -19.67
N ASN A 107 1.10 4.80 -20.63
CA ASN A 107 -0.08 5.68 -20.79
C ASN A 107 -1.36 5.23 -20.07
N LYS A 108 -1.32 4.05 -19.42
CA LYS A 108 -2.47 3.55 -18.67
C LYS A 108 -2.37 3.78 -17.14
N VAL A 109 -1.16 3.68 -16.59
CA VAL A 109 -0.94 3.89 -15.14
C VAL A 109 -0.87 5.38 -14.69
N ASP A 110 -1.79 5.78 -13.80
CA ASP A 110 -1.68 7.05 -13.03
C ASP A 110 -0.80 6.91 -11.76
N MET A 111 -1.46 6.72 -10.62
CA MET A 111 -0.78 6.49 -9.35
C MET A 111 -0.30 5.06 -9.16
N VAL A 112 0.89 4.89 -8.55
CA VAL A 112 1.26 3.56 -8.12
C VAL A 112 1.31 3.52 -6.61
N TRP A 113 0.66 2.48 -6.08
CA TRP A 113 0.47 2.28 -4.63
C TRP A 113 1.12 1.01 -4.23
N ILE A 114 2.10 1.08 -3.32
CA ILE A 114 2.71 -0.10 -2.78
C ILE A 114 1.82 -0.46 -1.58
N VAL A 115 1.25 -1.66 -1.58
CA VAL A 115 0.30 -2.01 -0.56
C VAL A 115 0.84 -3.08 0.37
N GLY A 116 2.14 -3.30 0.36
CA GLY A 116 2.82 -4.21 1.33
C GLY A 116 3.43 -5.42 0.65
N GLY A 117 4.26 -6.24 1.33
CA GLY A 117 4.51 -6.20 2.77
C GLY A 117 5.82 -5.58 3.11
N SER A 118 6.47 -6.06 4.17
CA SER A 118 7.55 -5.30 4.83
C SER A 118 8.67 -4.99 3.91
N SER A 119 9.13 -6.00 3.16
CA SER A 119 10.38 -5.77 2.35
C SER A 119 10.15 -4.85 1.15
N VAL A 120 8.95 -4.91 0.54
CA VAL A 120 8.55 -3.91 -0.49
C VAL A 120 8.55 -2.52 0.13
N TYR A 121 7.88 -2.37 1.29
CA TYR A 121 7.82 -1.07 1.95
C TYR A 121 9.24 -0.58 2.23
N LYS A 122 10.07 -1.47 2.75
CA LYS A 122 11.42 -1.07 3.14
C LYS A 122 12.18 -0.50 1.96
N GLU A 123 12.07 -1.16 0.79
CA GLU A 123 12.88 -0.80 -0.35
C GLU A 123 12.38 0.49 -0.92
N ALA A 124 11.06 0.59 -1.05
CA ALA A 124 10.47 1.81 -1.49
C ALA A 124 10.89 2.98 -0.60
N MET A 125 10.83 2.80 0.72
CA MET A 125 10.96 3.96 1.60
C MET A 125 12.35 4.59 1.61
N ASN A 126 13.28 3.76 1.15
CA ASN A 126 14.67 4.11 1.19
C ASN A 126 15.19 4.40 -0.24
N HIS A 127 14.30 4.32 -1.24
CA HIS A 127 14.58 4.64 -2.68
C HIS A 127 14.63 6.15 -2.79
N PRO A 128 15.61 6.74 -3.54
CA PRO A 128 15.53 8.25 -3.59
C PRO A 128 14.33 8.75 -4.38
N GLY A 129 13.84 9.94 -4.06
CA GLY A 129 12.79 10.52 -4.87
C GLY A 129 11.58 10.95 -4.07
N HIS A 130 10.51 11.30 -4.77
CA HIS A 130 9.33 11.88 -4.16
C HIS A 130 8.42 10.72 -3.82
N LEU A 131 8.05 10.61 -2.53
CA LEU A 131 7.31 9.40 -2.10
C LEU A 131 6.42 9.83 -0.94
N LYS A 132 5.15 9.41 -0.98
CA LYS A 132 4.29 9.65 0.18
C LYS A 132 3.95 8.32 0.80
N LEU A 133 3.72 8.39 2.12
CA LEU A 133 3.27 7.25 2.87
C LEU A 133 1.93 7.61 3.46
N PHE A 134 0.95 6.75 3.24
CA PHE A 134 -0.34 6.94 3.83
C PHE A 134 -0.44 5.88 4.93
N VAL A 135 -0.44 6.33 6.17
CA VAL A 135 -0.19 5.46 7.32
C VAL A 135 -1.44 5.60 8.16
N THR A 136 -2.12 4.47 8.35
CA THR A 136 -3.22 4.44 9.33
C THR A 136 -2.61 3.93 10.63
N ARG A 137 -2.69 4.73 11.72
CA ARG A 137 -2.17 4.40 13.06
C ARG A 137 -3.28 3.75 13.82
N ILE A 138 -3.12 2.47 14.09
CA ILE A 138 -4.08 1.75 14.90
C ILE A 138 -3.47 1.96 16.30
N MET A 139 -4.26 2.58 17.17
CA MET A 139 -3.78 3.18 18.42
C MET A 139 -3.72 2.21 19.60
N GLN A 140 -3.39 0.95 19.32
CA GLN A 140 -3.08 -0.02 20.39
C GLN A 140 -1.91 -0.91 19.97
N ASP A 141 -1.40 -1.68 20.93
CA ASP A 141 -0.56 -2.81 20.57
C ASP A 141 -1.41 -3.96 20.09
N PHE A 142 -0.89 -4.70 19.11
CA PHE A 142 -1.52 -5.95 18.69
C PHE A 142 -0.36 -6.89 18.42
N GLU A 143 -0.53 -8.15 18.84
CA GLU A 143 0.53 -9.13 18.61
C GLU A 143 0.64 -9.38 17.11
N SER A 144 1.88 -9.32 16.62
CA SER A 144 2.22 -9.28 15.16
C SER A 144 3.44 -10.15 14.84
N ASP A 145 3.53 -10.64 13.59
CA ASP A 145 4.72 -11.35 13.14
C ASP A 145 5.43 -10.64 11.96
N THR A 146 4.83 -9.55 11.53
CA THR A 146 5.37 -8.82 10.38
C THR A 146 5.13 -7.32 10.71
N PHE A 147 6.14 -6.51 10.39
CA PHE A 147 6.21 -5.15 10.88
C PHE A 147 6.47 -4.15 9.80
N PHE A 148 5.96 -2.94 10.01
CA PHE A 148 6.26 -1.82 9.11
C PHE A 148 7.67 -1.34 9.41
N PRO A 149 8.44 -1.06 8.37
CA PRO A 149 9.79 -0.52 8.65
C PRO A 149 9.78 0.89 9.27
N GLU A 150 10.95 1.28 9.84
CA GLU A 150 11.12 2.59 10.45
C GLU A 150 10.87 3.71 9.47
N ILE A 151 10.04 4.64 9.89
CA ILE A 151 9.86 5.92 9.24
C ILE A 151 10.87 6.92 9.76
N ASP A 152 11.76 7.33 8.87
CA ASP A 152 12.75 8.37 9.18
C ASP A 152 12.16 9.78 9.06
N LEU A 153 11.77 10.37 10.21
CA LEU A 153 11.11 11.68 10.28
C LEU A 153 12.07 12.85 9.91
N GLU A 154 13.36 12.56 9.71
CA GLU A 154 14.24 13.58 9.22
C GLU A 154 13.92 13.78 7.72
N LYS A 155 13.52 12.70 7.06
CA LYS A 155 13.23 12.78 5.65
C LYS A 155 11.71 12.84 5.41
N TYR A 156 10.94 12.01 6.12
CA TYR A 156 9.47 12.05 6.01
C TYR A 156 8.74 13.04 6.90
N LYS A 157 8.08 14.02 6.30
CA LYS A 157 7.33 14.97 7.11
C LYS A 157 5.88 14.62 7.16
N LEU A 158 5.32 14.61 8.38
CA LEU A 158 3.87 14.42 8.53
C LEU A 158 3.21 15.67 8.03
N LEU A 159 2.26 15.53 7.10
CA LEU A 159 1.47 16.64 6.58
C LEU A 159 0.37 17.03 7.54
N PRO A 160 0.14 18.32 7.68
CA PRO A 160 -0.88 18.79 8.65
C PRO A 160 -2.27 18.55 8.20
N GLU A 161 -2.42 18.22 6.92
CA GLU A 161 -3.71 17.93 6.32
C GLU A 161 -3.51 17.36 4.97
N TYR A 162 -4.52 16.68 4.48
CA TYR A 162 -4.48 16.20 3.10
C TYR A 162 -5.92 15.99 2.63
N PRO A 163 -6.23 16.44 1.39
CA PRO A 163 -7.59 16.34 0.84
C PRO A 163 -8.08 14.92 0.76
N GLY A 164 -9.23 14.70 1.36
CA GLY A 164 -9.93 13.44 1.18
C GLY A 164 -9.49 12.45 2.23
N VAL A 165 -8.71 12.94 3.22
CA VAL A 165 -8.21 12.12 4.33
C VAL A 165 -8.70 12.71 5.62
N LEU A 166 -9.55 11.98 6.35
CA LEU A 166 -10.01 12.48 7.68
C LEU A 166 -8.89 12.72 8.72
N SER A 167 -8.77 13.92 9.28
CA SER A 167 -7.72 14.13 10.33
C SER A 167 -8.16 13.58 11.67
N ASP A 168 -9.45 13.32 11.81
CA ASP A 168 -9.99 13.13 13.16
C ASP A 168 -9.77 11.67 13.60
N VAL A 169 -9.57 11.41 14.89
CA VAL A 169 -9.60 10.01 15.43
C VAL A 169 -10.89 9.25 15.08
N GLN A 170 -10.74 7.99 14.67
CA GLN A 170 -11.84 7.12 14.26
C GLN A 170 -11.90 6.03 15.29
N GLU A 171 -13.01 5.32 15.34
CA GLU A 171 -13.12 4.20 16.25
C GLU A 171 -14.08 3.21 15.65
N GLU A 172 -13.71 1.94 15.72
CA GLU A 172 -14.51 0.88 15.11
C GLU A 172 -14.16 -0.34 15.93
N LYS A 173 -15.17 -1.13 16.29
CA LYS A 173 -15.07 -2.24 17.25
C LYS A 173 -14.13 -2.02 18.45
N GLY A 174 -14.33 -0.85 19.06
CA GLY A 174 -13.55 -0.33 20.18
C GLY A 174 -12.06 -0.09 19.97
N ILE A 175 -11.66 0.14 18.72
CA ILE A 175 -10.24 0.34 18.40
C ILE A 175 -10.14 1.73 17.80
N LYS A 176 -9.33 2.57 18.43
CA LYS A 176 -9.12 3.92 17.93
C LYS A 176 -8.04 3.89 16.85
N TYR A 177 -8.29 4.63 15.76
CA TYR A 177 -7.24 4.81 14.76
C TYR A 177 -7.30 6.14 14.04
N LYS A 178 -6.18 6.53 13.46
CA LYS A 178 -6.12 7.83 12.81
C LYS A 178 -5.40 7.67 11.44
N PHE A 179 -5.80 8.43 10.43
CA PHE A 179 -5.11 8.49 9.11
C PHE A 179 -4.02 9.58 9.07
N GLU A 180 -2.87 9.30 8.45
CA GLU A 180 -1.74 10.24 8.36
C GLU A 180 -1.18 10.15 6.95
N VAL A 181 -0.59 11.23 6.52
CA VAL A 181 0.10 11.26 5.26
C VAL A 181 1.47 11.90 5.52
N TYR A 182 2.50 11.17 5.10
CA TYR A 182 3.90 11.60 5.19
C TYR A 182 4.43 11.80 3.78
N GLU A 183 5.34 12.77 3.64
CA GLU A 183 5.94 13.05 2.30
C GLU A 183 7.46 13.23 2.45
N LYS A 184 8.20 12.61 1.56
CA LYS A 184 9.61 12.92 1.40
C LYS A 184 9.85 13.34 -0.06
N ASN A 185 10.90 14.10 -0.28
CA ASN A 185 11.39 14.26 -1.65
C ASN A 185 12.88 14.43 -1.48
N ASP A 186 13.65 13.42 -1.89
CA ASP A 186 15.15 13.43 -1.75
C ASP A 186 15.89 12.76 -2.91
PA NDP B . 4.97 -9.91 1.16
O1A NDP B . 6.14 -8.96 1.04
O2A NDP B . 3.69 -9.48 0.80
O5B NDP B . 5.47 -11.25 0.54
C5B NDP B . 6.77 -11.80 0.65
C4B NDP B . 7.15 -12.45 -0.69
O4B NDP B . 7.04 -11.43 -1.56
C3B NDP B . 8.56 -12.79 -0.71
O3B NDP B . 8.70 -14.08 -0.08
C2B NDP B . 8.82 -12.87 -2.18
O2B NDP B . 8.16 -14.01 -2.79
C1B NDP B . 7.97 -11.66 -2.63
N9A NDP B . 8.64 -10.33 -2.58
C8A NDP B . 8.60 -9.40 -1.64
N7A NDP B . 9.30 -8.33 -2.05
C5A NDP B . 9.76 -8.60 -3.27
C6A NDP B . 10.47 -7.90 -4.16
N6A NDP B . 10.91 -6.67 -3.80
N1A NDP B . 10.77 -8.42 -5.33
C2A NDP B . 10.34 -9.68 -5.72
N3A NDP B . 9.61 -10.42 -4.79
C4A NDP B . 9.33 -9.84 -3.62
O3 NDP B . 4.84 -10.42 2.77
PN NDP B . 5.01 -10.05 4.28
O1N NDP B . 5.88 -8.91 4.58
O2N NDP B . 5.39 -11.33 4.83
O5D NDP B . 3.60 -9.56 4.69
C5D NDP B . 2.30 -10.12 4.64
C4D NDP B . 1.60 -9.85 6.02
O4D NDP B . 1.26 -8.50 6.30
C3D NDP B . 0.39 -10.64 6.07
O3D NDP B . 0.13 -10.98 7.46
C2D NDP B . -0.63 -9.64 5.49
O2D NDP B . -1.81 -9.84 6.03
C1D NDP B . -0.13 -8.33 6.19
N1N NDP B . -0.17 -7.04 5.45
C2N NDP B . -0.67 -5.94 6.12
C3N NDP B . -0.72 -4.63 5.63
C7N NDP B . -1.20 -3.56 6.40
O7N NDP B . -1.36 -2.43 5.95
N7N NDP B . -1.62 -3.77 7.70
C4N NDP B . -0.24 -4.50 4.28
C5N NDP B . 0.23 -5.62 3.58
C6N NDP B . 0.28 -6.90 4.09
P2B NDP B . 9.03 -15.03 -3.54
O1X NDP B . 10.00 -14.31 -4.47
O2X NDP B . 9.71 -15.71 -2.27
O3X NDP B . 8.08 -16.10 -4.28
C4 63W C . -4.83 -2.15 4.56
C5 63W C . -3.80 -2.47 3.73
C6 63W C . -2.93 -1.44 3.39
N1 63W C . -3.08 -0.24 3.88
N3 63W C . -5.00 -0.89 5.05
CAA 63W C . -2.88 -4.43 2.42
CAR 63W C . -3.84 -3.76 3.36
NAC 63W C . -1.90 -1.68 2.55
C2 63W C . -4.12 0.06 4.68
NAB 63W C . -4.25 1.27 5.18
SAN 63W C . -5.85 -3.55 4.88
CAT 63W C . -4.86 -4.52 3.86
SAM 63W C . -5.03 -6.46 3.42
CAP 63W C . -6.47 -6.53 2.54
CAG 63W C . -6.70 -5.57 1.56
CAI 63W C . -7.89 -5.57 0.85
CAS 63W C . -8.88 -6.56 1.08
CAW 63W C . -10.13 -6.57 0.36
FAE 63W C . -10.59 -5.16 -0.07
FAF 63W C . -10.06 -7.20 -0.64
FAD 63W C . -11.05 -7.09 1.13
CAJ 63W C . -8.59 -7.52 2.06
CAH 63W C . -7.40 -7.57 2.80
S SO4 D . 9.31 -15.30 -2.96
O1 SO4 D . 9.03 -14.46 -1.77
O2 SO4 D . 8.15 -15.19 -3.88
O3 SO4 D . 9.48 -16.72 -2.58
O4 SO4 D . 10.56 -14.85 -3.61
S SO4 E . 5.11 -9.87 1.88
O1 SO4 E . 3.74 -9.76 2.41
O2 SO4 E . 5.63 -8.55 1.44
O3 SO4 E . 5.90 -10.48 2.98
O4 SO4 E . 5.16 -10.74 0.68
#